data_2EUI
#
_entry.id   2EUI
#
_cell.length_a   115.100
_cell.length_b   115.100
_cell.length_c   66.850
_cell.angle_alpha   90.00
_cell.angle_beta   90.00
_cell.angle_gamma   90.00
#
_symmetry.space_group_name_H-M   'P 41'
#
loop_
_entity.id
_entity.type
_entity.pdbx_description
1 polymer 'Probable acetyltransferase'
2 water water
#
_entity_poly.entity_id   1
_entity_poly.type   'polypeptide(L)'
_entity_poly.pdbx_seq_one_letter_code
;(MSE)RIVQATLEHLDLLAPLFVKYREFYG(MSE)LSYPESSRKFLEKRLRRKESVIYLALADEEDRLLGFCQLYPSFSS
LSLKRVWILNDIYVAEEARRQLVADHLLQHAKQ(MSE)ARETHAVR(MSE)RVSTSVDNEVAQKVYESIGFREDQEFKNY
TLPISDELS
;
_entity_poly.pdbx_strand_id   A,B,D,E
#
# COMPACT_ATOMS: atom_id res chain seq x y z
N ARG A 2 -34.75 7.47 27.71
CA ARG A 2 -33.44 7.49 28.34
C ARG A 2 -32.68 6.22 27.99
N ILE A 3 -31.40 6.38 27.65
CA ILE A 3 -30.56 5.25 27.28
C ILE A 3 -29.52 5.04 28.37
N VAL A 4 -29.26 3.78 28.70
CA VAL A 4 -28.31 3.44 29.73
C VAL A 4 -27.52 2.18 29.38
N GLN A 5 -26.24 2.13 29.75
CA GLN A 5 -25.47 0.94 29.44
C GLN A 5 -25.75 -0.18 30.43
N ALA A 6 -26.10 -1.33 29.88
CA ALA A 6 -26.40 -2.49 30.69
C ALA A 6 -25.17 -2.96 31.44
N THR A 7 -25.36 -3.32 32.71
CA THR A 7 -24.29 -3.86 33.53
C THR A 7 -24.90 -5.09 34.15
N LEU A 8 -24.12 -5.80 34.96
CA LEU A 8 -24.61 -7.02 35.61
C LEU A 8 -25.92 -6.76 36.38
N GLU A 9 -26.10 -5.53 36.87
CA GLU A 9 -27.30 -5.17 37.61
C GLU A 9 -28.57 -5.39 36.82
N HIS A 10 -28.55 -5.00 35.54
CA HIS A 10 -29.74 -5.13 34.69
C HIS A 10 -30.05 -6.53 34.16
N LEU A 11 -29.16 -7.49 34.41
CA LEU A 11 -29.36 -8.83 33.90
C LEU A 11 -30.79 -9.36 34.03
N ASP A 12 -31.37 -9.27 35.23
CA ASP A 12 -32.73 -9.75 35.42
C ASP A 12 -33.77 -8.94 34.67
N LEU A 13 -33.48 -7.66 34.45
CA LEU A 13 -34.42 -6.79 33.74
C LEU A 13 -34.37 -7.05 32.24
N LEU A 14 -33.16 -7.36 31.75
CA LEU A 14 -32.92 -7.60 30.33
C LEU A 14 -33.07 -9.05 29.87
N ALA A 15 -32.85 -10.00 30.76
CA ALA A 15 -32.96 -11.41 30.42
C ALA A 15 -34.29 -11.76 29.74
N PRO A 16 -35.42 -11.43 30.38
CA PRO A 16 -36.69 -11.75 29.73
C PRO A 16 -36.90 -11.09 28.36
N LEU A 17 -36.42 -9.86 28.21
CA LEU A 17 -36.57 -9.18 26.93
C LEU A 17 -35.63 -9.76 25.88
N PHE A 18 -34.52 -10.33 26.33
CA PHE A 18 -33.54 -10.93 25.43
C PHE A 18 -34.15 -12.19 24.80
N VAL A 19 -34.98 -12.87 25.58
CA VAL A 19 -35.65 -14.08 25.14
C VAL A 19 -36.66 -13.74 24.05
N LYS A 20 -37.51 -12.74 24.33
CA LYS A 20 -38.53 -12.29 23.39
C LYS A 20 -37.91 -12.08 22.02
N TYR A 21 -36.77 -11.41 22.03
CA TYR A 21 -35.99 -11.11 20.82
C TYR A 21 -35.62 -12.38 20.03
N ARG A 22 -35.01 -13.34 20.72
CA ARG A 22 -34.60 -14.58 20.12
C ARG A 22 -35.81 -15.35 19.64
N GLU A 23 -36.88 -15.32 20.43
CA GLU A 23 -38.09 -16.04 20.05
C GLU A 23 -38.71 -15.39 18.83
N PHE A 24 -38.74 -14.06 18.83
CA PHE A 24 -39.33 -13.31 17.74
C PHE A 24 -38.66 -13.59 16.41
N TYR A 25 -37.42 -14.05 16.45
CA TYR A 25 -36.69 -14.34 15.22
C TYR A 25 -36.52 -15.82 14.89
N GLY A 26 -37.32 -16.66 15.53
CA GLY A 26 -37.29 -18.08 15.23
C GLY A 26 -36.46 -19.03 16.06
N LEU A 28 -35.56 -21.20 19.77
CA LEU A 28 -36.20 -21.84 20.93
C LEU A 28 -35.83 -20.88 22.06
N SER A 29 -36.73 -20.67 22.99
CA SER A 29 -36.51 -19.70 24.04
C SER A 29 -35.36 -19.85 25.04
N TYR A 30 -34.95 -21.09 25.33
CA TYR A 30 -33.86 -21.39 26.26
C TYR A 30 -33.66 -20.26 27.29
N PRO A 31 -34.61 -20.09 28.21
CA PRO A 31 -34.53 -19.04 29.23
C PRO A 31 -33.23 -18.98 30.02
N GLU A 32 -32.75 -20.14 30.46
CA GLU A 32 -31.53 -20.18 31.23
C GLU A 32 -30.26 -19.97 30.42
N SER A 33 -30.16 -20.62 29.27
CA SER A 33 -28.97 -20.45 28.45
C SER A 33 -28.88 -19.02 27.97
N SER A 34 -30.04 -18.40 27.80
CA SER A 34 -30.08 -17.03 27.34
C SER A 34 -29.61 -16.11 28.46
N ARG A 35 -30.05 -16.36 29.68
CA ARG A 35 -29.63 -15.54 30.79
C ARG A 35 -28.16 -15.82 31.06
N LYS A 36 -27.73 -17.06 30.86
CA LYS A 36 -26.33 -17.42 31.08
C LYS A 36 -25.42 -16.76 30.05
N PHE A 37 -25.89 -16.72 28.80
CA PHE A 37 -25.15 -16.10 27.70
C PHE A 37 -24.87 -14.61 28.00
N LEU A 38 -25.93 -13.89 28.38
CA LEU A 38 -25.84 -12.47 28.70
C LEU A 38 -24.95 -12.20 29.91
N GLU A 39 -24.88 -13.16 30.82
CA GLU A 39 -24.04 -12.97 31.99
C GLU A 39 -22.59 -12.92 31.54
N LYS A 40 -22.16 -13.93 30.80
CA LYS A 40 -20.79 -13.97 30.32
C LYS A 40 -20.41 -12.70 29.62
N ARG A 41 -21.32 -12.17 28.80
CA ARG A 41 -21.08 -10.94 28.06
C ARG A 41 -21.02 -9.73 28.97
N LEU A 42 -22.01 -9.59 29.85
CA LEU A 42 -22.01 -8.47 30.79
C LEU A 42 -20.82 -8.63 31.73
N ARG A 43 -20.73 -9.77 32.38
CA ARG A 43 -19.65 -10.04 33.32
C ARG A 43 -18.23 -9.91 32.74
N ARG A 44 -18.00 -10.44 31.54
CA ARG A 44 -16.67 -10.35 30.93
C ARG A 44 -16.47 -9.05 30.17
N LYS A 45 -17.54 -8.27 30.04
CA LYS A 45 -17.48 -7.01 29.31
C LYS A 45 -17.02 -7.24 27.88
N GLU A 46 -17.65 -8.21 27.24
CA GLU A 46 -17.32 -8.58 25.86
C GLU A 46 -18.23 -7.92 24.83
N SER A 47 -19.17 -7.12 25.30
CA SER A 47 -20.08 -6.44 24.39
C SER A 47 -20.63 -5.23 25.11
N VAL A 48 -21.21 -4.32 24.34
CA VAL A 48 -21.81 -3.12 24.89
C VAL A 48 -23.29 -3.29 24.61
N ILE A 49 -24.09 -3.28 25.66
CA ILE A 49 -25.54 -3.42 25.56
C ILE A 49 -26.22 -2.13 26.01
N TYR A 50 -26.95 -1.48 25.11
CA TYR A 50 -27.65 -0.26 25.47
C TYR A 50 -29.11 -0.59 25.78
N LEU A 51 -29.62 0.04 26.83
CA LEU A 51 -30.99 -0.17 27.27
C LEU A 51 -31.80 1.11 27.20
N ALA A 52 -32.97 1.05 26.54
CA ALA A 52 -33.87 2.20 26.45
C ALA A 52 -34.88 2.07 27.60
N LEU A 53 -34.81 2.99 28.56
CA LEU A 53 -35.71 2.95 29.71
C LEU A 53 -36.66 4.13 29.77
N ALA A 54 -37.92 3.86 30.11
CA ALA A 54 -38.94 4.90 30.23
C ALA A 54 -38.47 5.86 31.33
N ASP A 55 -38.71 7.15 31.17
CA ASP A 55 -38.27 8.11 32.17
C ASP A 55 -38.73 7.79 33.58
N GLU A 56 -40.02 7.54 33.76
CA GLU A 56 -40.52 7.23 35.09
C GLU A 56 -39.74 6.08 35.73
N GLU A 57 -40.20 4.85 35.50
CA GLU A 57 -39.56 3.67 36.08
C GLU A 57 -38.51 2.97 35.22
N ASP A 58 -37.97 1.88 35.76
CA ASP A 58 -36.96 1.09 35.07
C ASP A 58 -37.62 -0.02 34.28
N ARG A 59 -38.42 0.32 33.27
CA ARG A 59 -39.03 -0.71 32.46
C ARG A 59 -38.38 -0.68 31.08
N LEU A 60 -37.79 -1.81 30.72
CA LEU A 60 -37.08 -1.97 29.46
C LEU A 60 -38.01 -1.90 28.23
N LEU A 61 -37.86 -0.84 27.44
CA LEU A 61 -38.68 -0.63 26.25
C LEU A 61 -38.01 -1.28 25.05
N GLY A 62 -36.70 -1.43 25.16
CA GLY A 62 -35.96 -2.04 24.07
C GLY A 62 -34.49 -2.10 24.42
N PHE A 63 -33.70 -2.77 23.59
CA PHE A 63 -32.30 -2.85 23.88
C PHE A 63 -31.48 -3.04 22.61
N CYS A 64 -30.18 -2.82 22.73
CA CYS A 64 -29.27 -2.93 21.60
C CYS A 64 -27.96 -3.59 22.04
N GLN A 65 -27.34 -4.35 21.15
CA GLN A 65 -26.06 -4.99 21.48
C GLN A 65 -25.05 -4.92 20.34
N LEU A 66 -23.84 -4.52 20.71
CA LEU A 66 -22.76 -4.41 19.74
C LEU A 66 -21.59 -5.21 20.27
N TYR A 67 -20.81 -5.78 19.36
CA TYR A 67 -19.62 -6.53 19.74
C TYR A 67 -18.39 -5.78 19.26
N PRO A 68 -17.43 -5.51 20.16
CA PRO A 68 -16.20 -4.80 19.81
C PRO A 68 -15.31 -5.61 18.87
N SER A 69 -14.75 -4.96 17.86
CA SER A 69 -13.87 -5.63 16.90
C SER A 69 -12.79 -4.68 16.37
N PHE A 70 -11.99 -5.15 15.43
CA PHE A 70 -10.90 -4.34 14.87
C PHE A 70 -10.65 -4.62 13.40
N SER A 71 -9.96 -3.69 12.76
CA SER A 71 -9.56 -3.83 11.36
C SER A 71 -8.04 -3.86 11.41
N SER A 72 -7.45 -4.97 11.00
CA SER A 72 -5.99 -5.08 11.03
C SER A 72 -5.38 -4.16 9.99
N LEU A 73 -6.08 -4.00 8.87
CA LEU A 73 -5.61 -3.15 7.80
C LEU A 73 -5.43 -1.69 8.21
N SER A 74 -6.48 -1.05 8.73
CA SER A 74 -6.34 0.34 9.11
C SER A 74 -6.06 0.58 10.59
N LEU A 75 -5.71 -0.49 11.30
CA LEU A 75 -5.37 -0.41 12.72
C LEU A 75 -6.34 0.41 13.54
N LYS A 76 -7.63 0.27 13.22
CA LYS A 76 -8.66 1.00 13.92
C LYS A 76 -9.79 0.06 14.40
N ARG A 77 -10.63 0.60 15.28
CA ARG A 77 -11.76 -0.12 15.84
C ARG A 77 -12.88 -0.34 14.82
N VAL A 78 -13.71 -1.34 15.07
CA VAL A 78 -14.87 -1.66 14.23
C VAL A 78 -15.95 -2.13 15.20
N TRP A 79 -17.21 -1.82 14.92
CA TRP A 79 -18.29 -2.23 15.79
C TRP A 79 -19.28 -3.13 15.06
N ILE A 80 -19.43 -4.35 15.57
CA ILE A 80 -20.36 -5.30 15.00
C ILE A 80 -21.68 -5.04 15.71
N LEU A 81 -22.74 -4.88 14.93
CA LEU A 81 -24.07 -4.65 15.49
C LEU A 81 -24.86 -5.92 15.28
N ASN A 82 -25.01 -6.71 16.33
CA ASN A 82 -25.75 -7.97 16.22
C ASN A 82 -27.24 -7.86 16.50
N ASP A 83 -27.59 -7.26 17.64
CA ASP A 83 -28.98 -7.15 18.07
C ASP A 83 -29.52 -5.74 18.27
N ILE A 84 -30.81 -5.61 17.95
CA ILE A 84 -31.55 -4.38 18.12
C ILE A 84 -32.97 -4.92 18.29
N TYR A 85 -33.70 -4.42 19.27
CA TYR A 85 -35.05 -4.93 19.49
C TYR A 85 -35.92 -4.12 20.43
N VAL A 86 -37.17 -3.97 20.05
CA VAL A 86 -38.13 -3.22 20.86
C VAL A 86 -39.24 -4.16 21.30
N ALA A 87 -39.82 -3.91 22.47
CA ALA A 87 -40.92 -4.74 22.96
C ALA A 87 -42.23 -4.29 22.30
N GLU A 88 -43.18 -5.21 22.15
CA GLU A 88 -44.48 -4.92 21.54
C GLU A 88 -45.12 -3.63 22.03
N GLU A 89 -45.28 -3.53 23.35
CA GLU A 89 -45.90 -2.38 23.99
C GLU A 89 -45.24 -1.08 23.56
N ALA A 90 -43.94 -1.12 23.36
CA ALA A 90 -43.18 0.04 22.94
C ALA A 90 -43.27 0.22 21.44
N ARG A 91 -43.16 1.46 20.97
CA ARG A 91 -43.21 1.72 19.54
C ARG A 91 -41.85 1.43 18.97
N ARG A 92 -41.81 0.44 18.07
CA ARG A 92 -40.58 0.00 17.41
C ARG A 92 -39.64 1.13 17.00
N GLN A 93 -40.04 1.86 15.97
CA GLN A 93 -39.24 2.96 15.41
C GLN A 93 -38.73 4.00 16.41
N LEU A 94 -39.63 4.66 17.12
CA LEU A 94 -39.23 5.65 18.11
C LEU A 94 -38.07 5.18 19.00
N VAL A 95 -38.19 3.97 19.54
CA VAL A 95 -37.17 3.40 20.43
C VAL A 95 -35.97 2.81 19.70
N ALA A 96 -36.23 2.08 18.62
CA ALA A 96 -35.16 1.48 17.83
C ALA A 96 -34.17 2.59 17.49
N ASP A 97 -34.72 3.75 17.11
CA ASP A 97 -33.92 4.92 16.72
C ASP A 97 -32.97 5.42 17.79
N HIS A 98 -33.50 5.88 18.90
CA HIS A 98 -32.68 6.40 19.98
C HIS A 98 -31.54 5.46 20.27
N LEU A 99 -31.82 4.16 20.24
CA LEU A 99 -30.78 3.18 20.50
C LEU A 99 -29.70 3.26 19.44
N LEU A 100 -30.10 3.01 18.20
CA LEU A 100 -29.18 3.04 17.07
C LEU A 100 -28.39 4.34 16.97
N GLN A 101 -29.03 5.46 17.25
CA GLN A 101 -28.33 6.74 17.18
C GLN A 101 -27.29 6.79 18.29
N HIS A 102 -27.70 6.48 19.51
CA HIS A 102 -26.79 6.50 20.63
C HIS A 102 -25.61 5.57 20.30
N ALA A 103 -25.92 4.42 19.70
CA ALA A 103 -24.91 3.44 19.33
C ALA A 103 -23.96 3.98 18.27
N LYS A 104 -24.51 4.62 17.24
CA LYS A 104 -23.68 5.17 16.18
C LYS A 104 -22.80 6.31 16.70
N GLN A 105 -23.35 7.14 17.57
CA GLN A 105 -22.58 8.24 18.13
C GLN A 105 -21.44 7.67 18.96
N ALA A 107 -19.80 4.75 18.27
CA ALA A 107 -18.79 4.29 17.31
C ALA A 107 -17.92 5.47 16.87
N ARG A 108 -18.58 6.58 16.57
CA ARG A 108 -17.89 7.80 16.15
C ARG A 108 -16.97 8.22 17.28
N GLU A 109 -17.54 8.40 18.47
CA GLU A 109 -16.74 8.80 19.62
C GLU A 109 -15.48 7.95 19.83
N THR A 110 -15.52 6.68 19.43
CA THR A 110 -14.37 5.81 19.61
C THR A 110 -13.53 5.62 18.37
N HIS A 111 -13.67 6.54 17.41
CA HIS A 111 -12.90 6.49 16.19
C HIS A 111 -12.93 5.13 15.49
N ALA A 112 -14.14 4.61 15.28
CA ALA A 112 -14.29 3.33 14.61
C ALA A 112 -14.18 3.59 13.11
N VAL A 113 -13.62 2.64 12.38
CA VAL A 113 -13.49 2.80 10.93
C VAL A 113 -14.88 2.61 10.36
N ARG A 114 -15.58 1.62 10.91
CA ARG A 114 -16.92 1.29 10.44
C ARG A 114 -17.70 0.49 11.46
N ARG A 116 -20.36 -2.88 11.29
CA ARG A 116 -20.75 -3.97 10.41
C ARG A 116 -21.92 -4.71 11.05
N VAL A 117 -22.93 -5.04 10.23
CA VAL A 117 -24.10 -5.75 10.73
C VAL A 117 -24.37 -6.95 9.84
N SER A 118 -24.89 -8.02 10.43
CA SER A 118 -25.20 -9.22 9.68
C SER A 118 -26.56 -9.71 10.17
N THR A 119 -27.45 -10.05 9.23
CA THR A 119 -28.79 -10.51 9.57
C THR A 119 -29.42 -11.44 8.51
N SER A 120 -30.41 -12.21 8.93
CA SER A 120 -31.10 -13.17 8.06
C SER A 120 -31.65 -12.59 6.78
N VAL A 121 -31.45 -13.31 5.67
CA VAL A 121 -31.95 -12.86 4.38
C VAL A 121 -33.48 -12.75 4.46
N ASP A 122 -34.07 -13.46 5.42
CA ASP A 122 -35.51 -13.46 5.62
C ASP A 122 -36.04 -12.39 6.60
N ASN A 123 -35.28 -11.32 6.81
CA ASN A 123 -35.72 -10.26 7.73
C ASN A 123 -35.92 -8.92 7.04
N GLU A 124 -36.80 -8.88 6.05
CA GLU A 124 -37.08 -7.64 5.31
C GLU A 124 -37.17 -6.42 6.24
N VAL A 125 -38.03 -6.51 7.25
CA VAL A 125 -38.20 -5.40 8.17
C VAL A 125 -36.87 -5.04 8.79
N ALA A 126 -36.25 -5.99 9.48
CA ALA A 126 -34.96 -5.77 10.13
C ALA A 126 -33.96 -5.05 9.20
N GLN A 127 -33.85 -5.57 7.97
CA GLN A 127 -32.95 -5.02 6.98
C GLN A 127 -33.32 -3.59 6.58
N LYS A 128 -34.62 -3.31 6.54
CA LYS A 128 -35.08 -1.98 6.16
C LYS A 128 -34.58 -0.95 7.19
N VAL A 129 -34.79 -1.26 8.46
CA VAL A 129 -34.36 -0.39 9.55
C VAL A 129 -32.87 -0.10 9.43
N TYR A 130 -32.08 -1.14 9.20
CA TYR A 130 -30.63 -0.98 9.07
C TYR A 130 -30.27 -0.04 7.93
N GLU A 131 -30.90 -0.23 6.78
CA GLU A 131 -30.66 0.59 5.61
C GLU A 131 -31.01 2.06 5.85
N SER A 132 -32.05 2.27 6.64
CA SER A 132 -32.51 3.61 6.97
C SER A 132 -31.60 4.33 7.96
N ILE A 133 -30.58 3.67 8.46
CA ILE A 133 -29.69 4.33 9.40
C ILE A 133 -28.27 4.37 8.86
N GLY A 134 -28.13 4.15 7.56
CA GLY A 134 -26.82 4.19 6.94
C GLY A 134 -26.36 2.94 6.23
N PHE A 135 -26.32 1.82 6.96
CA PHE A 135 -25.86 0.54 6.42
C PHE A 135 -26.12 0.27 4.94
N ARG A 136 -25.11 -0.28 4.27
CA ARG A 136 -25.21 -0.64 2.86
C ARG A 136 -24.68 -2.05 2.68
N GLU A 137 -25.13 -2.73 1.63
CA GLU A 137 -24.71 -4.09 1.35
C GLU A 137 -23.64 -4.09 0.25
N ASP A 138 -22.48 -3.49 0.53
CA ASP A 138 -21.38 -3.42 -0.45
C ASP A 138 -21.17 -4.74 -1.19
N GLN A 139 -21.50 -4.75 -2.47
CA GLN A 139 -21.38 -5.95 -3.29
C GLN A 139 -19.98 -6.19 -3.85
N GLU A 140 -19.00 -5.39 -3.42
CA GLU A 140 -17.64 -5.58 -3.92
C GLU A 140 -16.76 -6.57 -3.15
N PHE A 141 -17.42 -7.51 -2.47
CA PHE A 141 -16.74 -8.55 -1.68
C PHE A 141 -17.61 -9.79 -1.58
N LYS A 142 -16.97 -10.95 -1.51
CA LYS A 142 -17.66 -12.23 -1.40
C LYS A 142 -17.60 -12.70 0.05
N ASN A 143 -18.77 -12.97 0.63
CA ASN A 143 -18.87 -13.43 2.02
C ASN A 143 -18.99 -14.94 2.21
N TYR A 144 -18.14 -15.48 3.06
CA TYR A 144 -18.13 -16.92 3.32
C TYR A 144 -18.61 -17.35 4.70
N THR A 145 -19.02 -18.60 4.78
CA THR A 145 -19.51 -19.16 6.03
C THR A 145 -19.15 -20.63 6.11
N LEU A 146 -18.68 -21.08 7.26
CA LEU A 146 -18.36 -22.48 7.42
C LEU A 146 -19.09 -22.96 8.67
N PRO A 147 -20.20 -23.68 8.49
CA PRO A 147 -20.93 -24.18 9.66
C PRO A 147 -20.05 -25.09 10.51
N ILE A 148 -19.93 -24.76 11.79
CA ILE A 148 -19.13 -25.55 12.71
C ILE A 148 -20.10 -26.30 13.63
N SER A 149 -20.94 -25.56 14.34
CA SER A 149 -21.90 -26.17 15.25
C SER A 149 -23.33 -26.10 14.76
N ASP A 150 -24.26 -26.33 15.68
CA ASP A 150 -25.66 -26.32 15.35
C ASP A 150 -26.25 -24.96 15.67
N GLU A 151 -27.29 -24.60 14.93
CA GLU A 151 -27.95 -23.31 15.14
C GLU A 151 -29.12 -23.45 16.10
N LEU A 152 -29.65 -24.66 16.20
CA LEU A 152 -30.82 -24.94 17.05
C LEU A 152 -30.51 -25.19 18.51
N SER A 153 -29.40 -25.89 18.77
CA SER A 153 -29.01 -26.20 20.15
C SER A 153 -27.50 -26.38 20.27
N ARG B 2 4.63 -26.33 11.69
CA ARG B 2 4.19 -26.21 13.08
C ARG B 2 3.29 -24.97 13.29
N ILE B 3 2.11 -25.18 13.86
CA ILE B 3 1.16 -24.09 14.12
C ILE B 3 1.01 -23.85 15.62
N VAL B 4 1.11 -22.59 16.04
CA VAL B 4 0.98 -22.24 17.46
C VAL B 4 0.29 -20.90 17.69
N GLN B 5 -0.48 -20.80 18.76
CA GLN B 5 -1.14 -19.52 19.03
C GLN B 5 -0.06 -18.51 19.39
N ALA B 6 -0.17 -17.34 18.77
CA ALA B 6 0.78 -16.26 19.00
C ALA B 6 0.68 -15.77 20.44
N THR B 7 1.85 -15.54 21.01
CA THR B 7 1.97 -15.08 22.38
C THR B 7 2.76 -13.76 22.39
N LEU B 8 2.85 -13.12 23.54
CA LEU B 8 3.57 -11.86 23.64
C LEU B 8 5.08 -12.06 23.40
N GLU B 9 5.52 -13.30 23.51
CA GLU B 9 6.94 -13.62 23.31
C GLU B 9 7.30 -13.64 21.81
N HIS B 10 6.28 -13.64 20.96
CA HIS B 10 6.46 -13.69 19.51
C HIS B 10 6.36 -12.33 18.83
N LEU B 11 5.99 -11.31 19.58
CA LEU B 11 5.81 -9.97 19.01
C LEU B 11 6.92 -9.55 18.02
N ASP B 12 8.18 -9.59 18.44
CA ASP B 12 9.29 -9.22 17.56
C ASP B 12 9.26 -9.91 16.21
N LEU B 13 8.99 -11.21 16.23
CA LEU B 13 8.96 -12.01 15.02
C LEU B 13 7.72 -11.76 14.16
N LEU B 14 6.56 -11.59 14.79
CA LEU B 14 5.32 -11.38 14.06
C LEU B 14 5.09 -9.97 13.47
N ALA B 15 5.51 -8.95 14.21
CA ALA B 15 5.32 -7.56 13.79
C ALA B 15 5.66 -7.26 12.33
N PRO B 16 6.87 -7.63 11.89
CA PRO B 16 7.24 -7.35 10.50
C PRO B 16 6.42 -8.06 9.44
N LEU B 17 6.09 -9.33 9.67
CA LEU B 17 5.31 -10.07 8.69
C LEU B 17 3.89 -9.51 8.65
N PHE B 18 3.47 -8.93 9.77
CA PHE B 18 2.15 -8.33 9.89
C PHE B 18 2.13 -7.07 9.04
N VAL B 19 3.22 -6.31 9.13
CA VAL B 19 3.33 -5.08 8.36
C VAL B 19 3.36 -5.39 6.87
N LYS B 20 4.06 -6.45 6.47
CA LYS B 20 4.13 -6.79 5.05
C LYS B 20 2.75 -7.18 4.52
N TYR B 21 1.91 -7.69 5.42
CA TYR B 21 0.57 -8.10 5.05
C TYR B 21 -0.28 -6.85 4.79
N ARG B 22 -0.14 -5.84 5.64
CA ARG B 22 -0.90 -4.60 5.45
C ARG B 22 -0.41 -3.87 4.20
N GLU B 23 0.90 -3.82 4.03
CA GLU B 23 1.47 -3.17 2.85
C GLU B 23 0.95 -3.85 1.60
N PHE B 24 0.87 -5.16 1.67
CA PHE B 24 0.37 -5.95 0.54
C PHE B 24 -1.02 -5.50 0.13
N TYR B 25 -1.85 -5.16 1.12
CA TYR B 25 -3.19 -4.72 0.79
C TYR B 25 -3.32 -3.23 0.56
N GLY B 26 -2.22 -2.58 0.19
CA GLY B 26 -2.26 -1.16 -0.10
C GLY B 26 -2.42 -0.23 1.07
N LEU B 28 -0.57 1.94 4.50
CA LEU B 28 0.64 2.62 4.89
C LEU B 28 1.24 1.85 6.05
N SER B 29 2.31 1.12 5.78
CA SER B 29 2.97 0.36 6.82
C SER B 29 3.28 1.24 8.02
N TYR B 30 2.63 0.99 9.14
CA TYR B 30 2.87 1.76 10.35
C TYR B 30 3.65 0.83 11.26
N PRO B 31 4.97 0.71 11.02
CA PRO B 31 5.88 -0.14 11.79
C PRO B 31 5.61 -0.24 13.28
N GLU B 32 5.52 0.90 13.97
CA GLU B 32 5.24 0.92 15.42
C GLU B 32 3.78 0.63 15.71
N SER B 33 2.90 1.46 15.17
CA SER B 33 1.47 1.30 15.38
C SER B 33 0.99 -0.12 15.12
N SER B 34 1.49 -0.74 14.06
CA SER B 34 1.10 -2.10 13.74
C SER B 34 1.58 -3.05 14.84
N ARG B 35 2.72 -2.70 15.42
CA ARG B 35 3.35 -3.48 16.46
C ARG B 35 2.60 -3.21 17.74
N LYS B 36 2.26 -1.94 17.92
CA LYS B 36 1.52 -1.44 19.08
C LYS B 36 0.14 -2.11 19.13
N PHE B 37 -0.46 -2.24 17.94
CA PHE B 37 -1.76 -2.84 17.72
C PHE B 37 -1.80 -4.32 18.10
N LEU B 38 -0.75 -5.03 17.69
CA LEU B 38 -0.63 -6.45 17.96
C LEU B 38 -0.42 -6.69 19.44
N GLU B 39 0.44 -5.88 20.06
CA GLU B 39 0.72 -6.05 21.47
C GLU B 39 -0.54 -5.93 22.29
N LYS B 40 -1.35 -4.91 22.03
CA LYS B 40 -2.57 -4.74 22.79
C LYS B 40 -3.56 -5.86 22.52
N ARG B 41 -3.74 -6.23 21.25
CA ARG B 41 -4.65 -7.32 20.93
C ARG B 41 -4.23 -8.58 21.69
N LEU B 42 -2.92 -8.85 21.71
CA LEU B 42 -2.36 -10.01 22.40
C LEU B 42 -2.53 -9.95 23.91
N ARG B 43 -2.20 -8.80 24.50
CA ARG B 43 -2.31 -8.64 25.95
C ARG B 43 -3.77 -8.63 26.44
N ARG B 44 -4.67 -8.07 25.64
CA ARG B 44 -6.08 -8.02 26.03
C ARG B 44 -6.88 -9.22 25.55
N LYS B 45 -6.22 -10.14 24.85
CA LYS B 45 -6.90 -11.32 24.32
C LYS B 45 -8.13 -10.91 23.54
N GLU B 46 -7.96 -9.97 22.62
CA GLU B 46 -9.06 -9.50 21.81
C GLU B 46 -9.04 -10.12 20.42
N SER B 47 -8.24 -11.16 20.26
CA SER B 47 -8.15 -11.86 19.00
C SER B 47 -7.32 -13.11 19.22
N VAL B 48 -7.21 -13.94 18.19
CA VAL B 48 -6.45 -15.16 18.27
C VAL B 48 -5.57 -15.20 17.04
N ILE B 49 -4.27 -15.18 17.24
CA ILE B 49 -3.33 -15.21 16.15
C ILE B 49 -2.60 -16.53 16.16
N TYR B 50 -2.66 -17.27 15.06
CA TYR B 50 -1.96 -18.54 14.97
C TYR B 50 -0.71 -18.37 14.09
N LEU B 51 0.43 -18.82 14.60
CA LEU B 51 1.68 -18.71 13.85
C LEU B 51 2.08 -20.03 13.21
N ALA B 52 2.61 -19.95 11.99
CA ALA B 52 3.08 -21.15 11.31
C ALA B 52 4.61 -21.12 11.39
N LEU B 53 5.17 -21.92 12.29
CA LEU B 53 6.63 -21.96 12.48
C LEU B 53 7.26 -23.17 11.78
N ALA B 54 8.45 -22.98 11.22
CA ALA B 54 9.16 -24.06 10.53
C ALA B 54 10.25 -24.69 11.37
N ASP B 58 13.18 -22.06 14.18
CA ASP B 58 11.81 -21.87 13.75
C ASP B 58 11.51 -20.44 13.29
N ARG B 59 11.42 -20.26 11.97
CA ARG B 59 11.16 -18.97 11.34
C ARG B 59 9.69 -18.84 10.93
N LEU B 60 9.12 -17.65 11.18
CA LEU B 60 7.72 -17.39 10.85
C LEU B 60 7.41 -17.55 9.35
N LEU B 61 6.71 -18.64 8.99
CA LEU B 61 6.36 -18.90 7.60
C LEU B 61 5.11 -18.17 7.16
N GLY B 62 4.20 -17.98 8.10
CA GLY B 62 2.96 -17.29 7.80
C GLY B 62 2.14 -17.18 9.07
N PHE B 63 1.11 -16.35 9.05
CA PHE B 63 0.27 -16.18 10.21
C PHE B 63 -1.18 -15.94 9.80
N CYS B 64 -2.10 -16.11 10.73
CA CYS B 64 -3.52 -15.85 10.48
C CYS B 64 -4.11 -15.31 11.80
N GLN B 65 -5.05 -14.38 11.70
CA GLN B 65 -5.68 -13.78 12.89
C GLN B 65 -7.20 -13.77 12.78
N LEU B 66 -7.86 -14.15 13.86
CA LEU B 66 -9.31 -14.17 13.88
C LEU B 66 -9.79 -13.26 14.98
N TYR B 67 -10.90 -12.59 14.76
CA TYR B 67 -11.45 -11.72 15.79
C TYR B 67 -12.69 -12.40 16.34
N PRO B 68 -12.97 -12.22 17.64
CA PRO B 68 -14.12 -12.81 18.33
C PRO B 68 -15.45 -12.08 18.11
N SER B 69 -16.50 -12.86 17.93
CA SER B 69 -17.86 -12.35 17.76
C SER B 69 -18.83 -13.40 18.33
N PHE B 70 -20.12 -13.06 18.45
CA PHE B 70 -21.07 -14.03 18.98
C PHE B 70 -22.35 -14.09 18.18
N SER B 71 -23.12 -15.16 18.38
CA SER B 71 -24.42 -15.31 17.74
C SER B 71 -25.42 -15.29 18.87
N SER B 72 -26.13 -14.17 19.05
CA SER B 72 -27.12 -14.08 20.12
C SER B 72 -28.22 -15.09 19.84
N LEU B 73 -28.66 -15.14 18.59
CA LEU B 73 -29.70 -16.05 18.19
C LEU B 73 -29.52 -17.50 18.61
N SER B 74 -28.33 -18.05 18.42
CA SER B 74 -28.08 -19.43 18.82
C SER B 74 -27.21 -19.55 20.07
N LEU B 75 -27.02 -18.41 20.75
CA LEU B 75 -26.22 -18.33 21.97
C LEU B 75 -24.87 -19.02 21.87
N LYS B 76 -24.09 -18.66 20.85
CA LYS B 76 -22.77 -19.27 20.66
C LYS B 76 -21.73 -18.31 20.07
N ARG B 77 -20.46 -18.75 20.05
CA ARG B 77 -19.39 -17.92 19.50
C ARG B 77 -19.30 -18.01 17.98
N VAL B 78 -18.80 -16.94 17.39
CA VAL B 78 -18.61 -16.85 15.96
C VAL B 78 -17.19 -16.35 15.74
N TRP B 79 -16.38 -17.10 14.99
CA TRP B 79 -15.02 -16.63 14.75
C TRP B 79 -14.93 -16.02 13.37
N ILE B 80 -14.34 -14.83 13.32
CA ILE B 80 -14.16 -14.10 12.07
C ILE B 80 -12.71 -14.11 11.61
N LEU B 81 -12.45 -14.89 10.57
CA LEU B 81 -11.11 -15.00 9.99
C LEU B 81 -10.84 -13.70 9.28
N ASN B 82 -10.04 -12.84 9.89
CA ASN B 82 -9.75 -11.53 9.35
C ASN B 82 -8.49 -11.41 8.50
N ASP B 83 -7.39 -12.01 8.95
CA ASP B 83 -6.14 -11.93 8.21
C ASP B 83 -5.42 -13.25 8.10
N ILE B 84 -4.82 -13.49 6.94
CA ILE B 84 -4.03 -14.69 6.72
C ILE B 84 -2.97 -14.28 5.70
N TYR B 85 -1.70 -14.50 6.03
CA TYR B 85 -0.62 -14.10 5.15
C TYR B 85 0.55 -15.06 5.18
N VAL B 86 0.87 -15.64 4.03
CA VAL B 86 2.00 -16.56 3.96
C VAL B 86 3.16 -15.81 3.32
N ALA B 87 4.28 -15.73 4.02
CA ALA B 87 5.46 -15.01 3.50
C ALA B 87 5.78 -15.41 2.05
N GLU B 88 6.18 -14.43 1.25
CA GLU B 88 6.49 -14.65 -0.16
C GLU B 88 7.34 -15.88 -0.46
N GLU B 89 8.41 -16.05 0.31
CA GLU B 89 9.32 -17.18 0.14
C GLU B 89 8.83 -18.52 0.68
N ALA B 90 7.56 -18.84 0.44
CA ALA B 90 6.98 -20.11 0.89
C ALA B 90 5.89 -20.50 -0.11
N ARG B 91 5.66 -21.82 -0.29
CA ARG B 91 4.61 -22.34 -1.18
C ARG B 91 3.45 -21.40 -0.94
N ARG B 92 2.47 -21.33 -1.85
CA ARG B 92 1.37 -20.41 -1.61
C ARG B 92 0.19 -20.98 -0.80
N GLN B 93 -0.11 -22.27 -0.96
CA GLN B 93 -1.26 -22.86 -0.27
C GLN B 93 -1.05 -23.89 0.83
N LEU B 94 0.19 -24.32 1.07
CA LEU B 94 0.47 -25.32 2.11
C LEU B 94 0.39 -24.78 3.56
N VAL B 95 1.09 -23.68 3.82
CA VAL B 95 1.10 -23.05 5.14
C VAL B 95 -0.30 -22.49 5.43
N ALA B 96 -0.99 -22.10 4.37
CA ALA B 96 -2.32 -21.57 4.50
C ALA B 96 -3.25 -22.67 4.98
N ASP B 97 -3.18 -23.83 4.34
CA ASP B 97 -4.06 -24.92 4.73
C ASP B 97 -3.85 -25.32 6.20
N HIS B 98 -2.59 -25.49 6.57
CA HIS B 98 -2.27 -25.88 7.94
C HIS B 98 -2.79 -24.85 8.94
N LEU B 99 -2.72 -23.58 8.57
CA LEU B 99 -3.18 -22.50 9.42
C LEU B 99 -4.70 -22.50 9.57
N LEU B 100 -5.41 -22.45 8.44
CA LEU B 100 -6.87 -22.45 8.44
C LEU B 100 -7.48 -23.70 9.01
N GLN B 101 -6.79 -24.82 8.83
CA GLN B 101 -7.30 -26.09 9.34
C GLN B 101 -7.23 -25.97 10.86
N HIS B 102 -6.05 -25.63 11.38
CA HIS B 102 -5.87 -25.50 12.81
C HIS B 102 -6.88 -24.51 13.40
N ALA B 103 -7.24 -23.49 12.63
CA ALA B 103 -8.22 -22.50 13.08
C ALA B 103 -9.59 -23.16 13.18
N LYS B 104 -9.98 -23.82 12.10
CA LYS B 104 -11.24 -24.55 12.01
C LYS B 104 -11.38 -25.47 13.22
N GLN B 105 -10.29 -26.14 13.58
CA GLN B 105 -10.31 -27.06 14.70
C GLN B 105 -10.55 -26.36 16.03
N ALA B 107 -12.31 -23.65 16.30
CA ALA B 107 -13.73 -23.31 16.22
C ALA B 107 -14.57 -24.47 16.81
N ARG B 108 -14.22 -25.69 16.44
CA ARG B 108 -14.90 -26.89 16.95
C ARG B 108 -14.69 -27.03 18.44
N GLU B 109 -13.45 -26.90 18.90
CA GLU B 109 -13.16 -27.05 20.33
C GLU B 109 -13.81 -25.95 21.19
N THR B 110 -14.19 -24.83 20.59
CA THR B 110 -14.83 -23.73 21.32
C THR B 110 -16.32 -23.62 21.00
N HIS B 111 -16.85 -24.64 20.33
CA HIS B 111 -18.27 -24.71 19.98
C HIS B 111 -18.84 -23.47 19.32
N ALA B 112 -18.15 -22.95 18.32
CA ALA B 112 -18.65 -21.79 17.60
C ALA B 112 -19.74 -22.27 16.65
N VAL B 113 -20.69 -21.40 16.31
CA VAL B 113 -21.75 -21.78 15.38
C VAL B 113 -21.16 -21.81 13.98
N ARG B 114 -20.22 -20.92 13.74
CA ARG B 114 -19.62 -20.81 12.42
C ARG B 114 -18.39 -19.92 12.41
N ARG B 116 -16.43 -17.05 9.71
CA ARG B 116 -16.78 -16.19 8.58
C ARG B 116 -15.50 -15.64 7.95
N VAL B 117 -15.55 -15.34 6.65
CA VAL B 117 -14.41 -14.73 5.96
C VAL B 117 -14.92 -13.97 4.75
N SER B 118 -14.24 -12.88 4.42
CA SER B 118 -14.59 -12.05 3.26
C SER B 118 -13.37 -11.92 2.35
N THR B 119 -13.57 -11.31 1.19
CA THR B 119 -12.50 -11.11 0.22
C THR B 119 -13.08 -10.47 -1.03
N SER B 120 -12.22 -9.82 -1.81
CA SER B 120 -12.65 -9.17 -3.05
C SER B 120 -13.30 -10.20 -3.97
N VAL B 121 -14.35 -9.76 -4.67
CA VAL B 121 -15.07 -10.60 -5.62
C VAL B 121 -14.20 -11.05 -6.79
N ASN B 123 -10.45 -11.64 -6.77
CA ASN B 123 -9.52 -12.23 -5.80
C ASN B 123 -9.70 -13.75 -5.78
N GLU B 124 -10.00 -14.29 -6.95
CA GLU B 124 -10.23 -15.72 -7.15
C GLU B 124 -9.34 -16.66 -6.32
N VAL B 125 -8.03 -16.38 -6.31
CA VAL B 125 -7.10 -17.24 -5.57
C VAL B 125 -7.52 -17.50 -4.12
N ALA B 126 -7.92 -16.43 -3.42
CA ALA B 126 -8.36 -16.57 -2.04
C ALA B 126 -9.52 -17.56 -1.97
N GLN B 127 -10.60 -17.20 -2.67
CA GLN B 127 -11.82 -18.01 -2.71
C GLN B 127 -11.54 -19.50 -2.88
N LYS B 128 -10.55 -19.81 -3.71
CA LYS B 128 -10.20 -21.20 -3.96
C LYS B 128 -9.60 -21.78 -2.70
N VAL B 129 -8.83 -20.95 -1.99
CA VAL B 129 -8.20 -21.39 -0.75
C VAL B 129 -9.24 -21.61 0.35
N TYR B 130 -10.17 -20.66 0.49
CA TYR B 130 -11.22 -20.78 1.51
C TYR B 130 -12.16 -21.93 1.21
N GLU B 131 -12.70 -21.94 -0.01
CA GLU B 131 -13.61 -23.02 -0.39
C GLU B 131 -12.92 -24.35 -0.18
N SER B 132 -11.60 -24.31 -0.29
CA SER B 132 -10.73 -25.48 -0.12
C SER B 132 -10.93 -26.16 1.22
N ILE B 133 -11.70 -25.55 2.12
CA ILE B 133 -11.88 -26.14 3.44
C ILE B 133 -13.23 -26.01 4.15
N GLY B 134 -14.30 -25.77 3.40
CA GLY B 134 -15.60 -25.65 4.02
C GLY B 134 -16.32 -24.35 3.76
N PHE B 135 -15.58 -23.25 3.82
CA PHE B 135 -16.20 -21.95 3.57
C PHE B 135 -17.00 -21.99 2.27
N ARG B 136 -18.29 -21.68 2.39
CA ARG B 136 -19.19 -21.64 1.24
C ARG B 136 -19.78 -20.24 1.19
N GLU B 137 -20.32 -19.85 0.04
CA GLU B 137 -20.88 -18.51 -0.09
C GLU B 137 -22.12 -18.32 0.78
N ASP B 138 -21.98 -17.50 1.80
CA ASP B 138 -23.04 -17.20 2.74
C ASP B 138 -24.40 -16.93 2.11
N GLN B 139 -25.29 -17.92 2.17
CA GLN B 139 -26.63 -17.77 1.61
C GLN B 139 -27.67 -17.66 2.70
N GLU B 140 -27.21 -17.68 3.94
CA GLU B 140 -28.08 -17.62 5.09
C GLU B 140 -28.23 -16.22 5.65
N PHE B 141 -27.24 -15.38 5.39
CA PHE B 141 -27.25 -14.01 5.89
C PHE B 141 -27.02 -12.95 4.83
N LYS B 142 -27.37 -11.71 5.17
CA LYS B 142 -27.20 -10.56 4.30
C LYS B 142 -26.30 -9.61 5.09
N ASN B 143 -25.20 -9.17 4.49
CA ASN B 143 -24.24 -8.32 5.21
C ASN B 143 -24.11 -6.84 4.86
N TYR B 144 -24.10 -6.01 5.90
CA TYR B 144 -24.01 -4.58 5.75
C TYR B 144 -22.82 -3.91 6.46
N THR B 145 -22.43 -2.77 5.92
CA THR B 145 -21.33 -1.95 6.42
C THR B 145 -21.90 -0.55 6.50
N LEU B 146 -21.21 0.32 7.22
CA LEU B 146 -21.63 1.70 7.36
C LEU B 146 -20.38 2.49 7.74
N PRO B 147 -19.80 3.24 6.79
CA PRO B 147 -18.60 4.04 7.06
C PRO B 147 -18.80 4.95 8.26
N ILE B 148 -17.77 5.05 9.11
CA ILE B 148 -17.84 5.88 10.31
C ILE B 148 -16.71 6.88 10.43
N SER B 149 -15.51 6.48 10.05
CA SER B 149 -14.38 7.37 10.18
C SER B 149 -13.38 7.45 9.05
N ASP B 150 -12.26 8.11 9.35
CA ASP B 150 -11.15 8.33 8.44
C ASP B 150 -10.04 7.29 8.68
N ARG C 2 -8.22 7.08 -3.87
CA ARG C 2 -8.46 6.53 -5.20
C ARG C 2 -7.26 6.93 -6.07
N ILE C 3 -6.23 6.08 -6.09
CA ILE C 3 -5.03 6.34 -6.88
C ILE C 3 -5.17 5.77 -8.29
N VAL C 4 -4.83 6.58 -9.29
CA VAL C 4 -4.96 6.19 -10.70
C VAL C 4 -3.84 6.72 -11.60
N GLN C 5 -3.26 5.87 -12.44
CA GLN C 5 -2.21 6.34 -13.35
C GLN C 5 -2.84 7.26 -14.39
N ALA C 6 -2.25 8.44 -14.52
CA ALA C 6 -2.73 9.44 -15.47
C ALA C 6 -2.54 8.98 -16.91
N THR C 7 -3.28 9.60 -17.81
CA THR C 7 -3.19 9.30 -19.23
C THR C 7 -3.46 10.59 -19.99
N LEU C 8 -3.24 10.55 -21.30
CA LEU C 8 -3.45 11.74 -22.13
C LEU C 8 -4.78 12.40 -21.85
N GLU C 9 -5.74 11.61 -21.38
CA GLU C 9 -7.06 12.14 -21.04
C GLU C 9 -6.91 13.16 -19.95
N HIS C 10 -6.58 12.67 -18.76
CA HIS C 10 -6.42 13.52 -17.58
C HIS C 10 -5.66 14.84 -17.79
N LEU C 11 -5.08 15.03 -18.96
CA LEU C 11 -4.33 16.24 -19.24
C LEU C 11 -5.02 17.53 -18.74
N ASP C 12 -6.26 17.76 -19.16
CA ASP C 12 -7.01 18.94 -18.75
C ASP C 12 -7.09 19.08 -17.23
N LEU C 13 -7.43 17.98 -16.56
CA LEU C 13 -7.56 17.97 -15.12
C LEU C 13 -6.24 18.15 -14.37
N LEU C 14 -5.16 17.60 -14.93
CA LEU C 14 -3.84 17.67 -14.31
C LEU C 14 -3.04 18.96 -14.53
N ALA C 15 -3.04 19.48 -15.76
CA ALA C 15 -2.27 20.69 -16.09
C ALA C 15 -2.28 21.77 -15.00
N PRO C 16 -3.47 22.19 -14.55
CA PRO C 16 -3.51 23.23 -13.52
C PRO C 16 -2.84 22.87 -12.20
N LEU C 17 -2.87 21.62 -11.79
CA LEU C 17 -2.23 21.29 -10.54
C LEU C 17 -0.72 21.22 -10.77
N PHE C 18 -0.34 20.79 -11.97
CA PHE C 18 1.07 20.69 -12.37
C PHE C 18 1.72 22.07 -12.26
N VAL C 19 0.96 23.10 -12.64
CA VAL C 19 1.42 24.49 -12.56
C VAL C 19 1.60 24.88 -11.08
N LYS C 20 0.55 24.71 -10.31
CA LYS C 20 0.60 25.03 -8.89
C LYS C 20 1.86 24.44 -8.26
N TYR C 21 2.21 23.24 -8.68
CA TYR C 21 3.38 22.53 -8.18
C TYR C 21 4.66 23.31 -8.48
N ARG C 22 4.87 23.66 -9.74
CA ARG C 22 6.03 24.42 -10.15
C ARG C 22 6.04 25.78 -9.46
N GLU C 23 4.87 26.33 -9.20
CA GLU C 23 4.79 27.64 -8.53
C GLU C 23 5.18 27.51 -7.07
N PHE C 24 4.57 26.57 -6.38
CA PHE C 24 4.88 26.33 -4.98
C PHE C 24 6.40 26.22 -4.85
N TYR C 25 7.05 25.69 -5.88
CA TYR C 25 8.50 25.53 -5.86
C TYR C 25 9.31 26.70 -6.45
N GLY C 26 8.70 27.88 -6.49
CA GLY C 26 9.38 29.07 -6.99
C GLY C 26 9.78 29.18 -8.46
N LEU C 28 8.44 29.84 -12.66
CA LEU C 28 7.44 30.62 -13.35
C LEU C 28 6.32 29.70 -13.81
N SER C 29 5.08 30.12 -13.56
CA SER C 29 3.92 29.35 -13.94
C SER C 29 3.72 29.48 -15.42
N TYR C 30 4.51 28.78 -16.22
CA TYR C 30 4.39 28.86 -17.67
C TYR C 30 3.22 27.97 -18.11
N PRO C 31 1.97 28.47 -18.00
CA PRO C 31 0.78 27.71 -18.39
C PRO C 31 0.88 26.93 -19.69
N GLU C 32 1.15 27.63 -20.79
CA GLU C 32 1.29 26.99 -22.09
C GLU C 32 2.41 25.95 -22.12
N SER C 33 3.62 26.36 -21.77
CA SER C 33 4.75 25.44 -21.79
C SER C 33 4.54 24.22 -20.91
N SER C 34 3.91 24.42 -19.76
CA SER C 34 3.63 23.35 -18.79
C SER C 34 2.75 22.24 -19.33
N ARG C 35 1.65 22.63 -19.99
CA ARG C 35 0.71 21.67 -20.57
C ARG C 35 1.38 20.94 -21.72
N LYS C 36 2.19 21.68 -22.46
CA LYS C 36 2.92 21.17 -23.62
C LYS C 36 3.94 20.09 -23.22
N PHE C 37 4.42 20.19 -21.98
CA PHE C 37 5.43 19.28 -21.42
C PHE C 37 4.78 18.01 -20.92
N LEU C 38 3.61 18.15 -20.32
CA LEU C 38 2.86 16.99 -19.80
C LEU C 38 2.40 16.14 -20.98
N GLU C 39 1.93 16.81 -22.02
CA GLU C 39 1.44 16.15 -23.22
C GLU C 39 2.56 15.39 -23.92
N LYS C 40 3.73 15.99 -24.05
CA LYS C 40 4.83 15.28 -24.70
C LYS C 40 5.11 14.02 -23.90
N ARG C 41 5.15 14.19 -22.58
CA ARG C 41 5.43 13.09 -21.69
C ARG C 41 4.39 11.97 -21.72
N LEU C 42 3.10 12.34 -21.74
CA LEU C 42 2.01 11.36 -21.75
C LEU C 42 1.86 10.69 -23.13
N ARG C 43 2.05 11.46 -24.20
CA ARG C 43 1.91 10.91 -25.54
C ARG C 43 3.01 9.93 -25.89
N ARG C 44 4.24 10.26 -25.50
CA ARG C 44 5.39 9.39 -25.76
C ARG C 44 5.51 8.34 -24.67
N LYS C 45 4.73 8.51 -23.60
CA LYS C 45 4.76 7.59 -22.48
C LYS C 45 6.14 7.50 -21.83
N GLU C 46 6.83 8.63 -21.76
CA GLU C 46 8.16 8.67 -21.17
C GLU C 46 8.13 8.75 -19.65
N SER C 47 6.95 8.87 -19.08
CA SER C 47 6.84 8.93 -17.64
C SER C 47 5.62 8.18 -17.17
N VAL C 48 5.53 8.00 -15.86
CA VAL C 48 4.43 7.30 -15.22
C VAL C 48 3.95 8.23 -14.13
N ILE C 49 2.80 8.84 -14.36
CA ILE C 49 2.22 9.76 -13.39
C ILE C 49 1.06 9.11 -12.66
N TYR C 50 1.06 9.22 -11.34
CA TYR C 50 -0.02 8.69 -10.54
C TYR C 50 -0.82 9.87 -10.02
N LEU C 51 -2.15 9.76 -10.14
CA LEU C 51 -3.07 10.79 -9.70
C LEU C 51 -3.90 10.32 -8.50
N ALA C 52 -3.78 11.03 -7.38
CA ALA C 52 -4.58 10.70 -6.20
C ALA C 52 -5.93 11.41 -6.31
N LEU C 53 -6.85 10.85 -7.09
CA LEU C 53 -8.18 11.45 -7.26
C LEU C 53 -8.98 11.24 -5.97
N ALA C 54 -9.95 12.11 -5.72
CA ALA C 54 -10.76 11.99 -4.50
C ALA C 54 -11.67 10.75 -4.55
N ASP C 55 -12.96 10.94 -4.34
CA ASP C 55 -13.86 9.79 -4.34
C ASP C 55 -14.97 9.72 -5.37
N GLU C 56 -16.15 10.22 -5.04
CA GLU C 56 -17.22 10.12 -6.03
C GLU C 56 -16.75 10.80 -7.32
N GLU C 57 -16.16 11.99 -7.17
CA GLU C 57 -15.71 12.73 -8.32
C GLU C 57 -14.19 12.80 -8.53
N ASP C 58 -13.82 12.94 -9.80
CA ASP C 58 -12.42 13.03 -10.22
C ASP C 58 -11.77 14.31 -9.72
N ARG C 59 -11.98 14.63 -8.44
CA ARG C 59 -11.36 15.82 -7.86
C ARG C 59 -9.90 15.50 -7.53
N LEU C 60 -8.99 16.01 -8.37
CA LEU C 60 -7.55 15.78 -8.18
C LEU C 60 -7.05 16.38 -6.86
N LEU C 61 -6.47 15.55 -6.00
CA LEU C 61 -5.96 15.98 -4.71
C LEU C 61 -4.44 16.08 -4.67
N GLY C 62 -3.78 15.36 -5.56
CA GLY C 62 -2.34 15.37 -5.61
C GLY C 62 -1.86 14.45 -6.71
N PHE C 63 -0.54 14.38 -6.88
CA PHE C 63 0.04 13.52 -7.90
C PHE C 63 1.53 13.30 -7.70
N CYS C 64 2.08 12.32 -8.41
CA CYS C 64 3.50 12.03 -8.33
C CYS C 64 3.92 11.55 -9.71
N GLN C 65 5.15 11.89 -10.12
CA GLN C 65 5.63 11.48 -11.43
C GLN C 65 6.95 10.74 -11.36
N LEU C 66 7.02 9.62 -12.07
CA LEU C 66 8.24 8.81 -12.09
C LEU C 66 8.71 8.67 -13.51
N TYR C 67 10.03 8.67 -13.67
CA TYR C 67 10.63 8.51 -14.97
C TYR C 67 11.30 7.15 -14.98
N PRO C 68 11.10 6.38 -16.05
CA PRO C 68 11.71 5.07 -16.11
C PRO C 68 13.17 5.17 -16.50
N SER C 69 14.00 4.31 -15.90
CA SER C 69 15.41 4.31 -16.19
C SER C 69 15.99 2.91 -15.99
N PHE C 70 17.31 2.79 -16.04
CA PHE C 70 17.94 1.48 -15.90
C PHE C 70 19.26 1.45 -15.14
N SER C 71 19.66 0.24 -14.79
CA SER C 71 20.92 0.00 -14.11
C SER C 71 21.68 -0.94 -15.01
N SER C 72 22.61 -0.39 -15.79
CA SER C 72 23.41 -1.20 -16.71
C SER C 72 24.08 -2.38 -16.00
N LEU C 73 24.55 -2.13 -14.78
CA LEU C 73 25.25 -3.16 -14.02
C LEU C 73 24.37 -4.34 -13.65
N SER C 74 23.15 -4.06 -13.21
CA SER C 74 22.23 -5.13 -12.80
C SER C 74 21.33 -5.56 -13.94
N LEU C 75 21.31 -4.78 -15.01
CA LEU C 75 20.48 -5.05 -16.17
C LEU C 75 19.00 -5.04 -15.79
N LYS C 76 18.68 -4.29 -14.75
CA LYS C 76 17.31 -4.20 -14.30
C LYS C 76 16.83 -2.74 -14.29
N ARG C 77 15.51 -2.58 -14.21
CA ARG C 77 14.86 -1.27 -14.20
C ARG C 77 15.19 -0.46 -12.94
N VAL C 78 15.07 0.86 -13.07
CA VAL C 78 15.31 1.80 -11.99
C VAL C 78 14.27 2.91 -12.10
N TRP C 79 13.62 3.25 -11.00
CA TRP C 79 12.64 4.33 -11.05
C TRP C 79 13.20 5.61 -10.47
N ILE C 80 12.89 6.72 -11.14
CA ILE C 80 13.33 8.05 -10.70
C ILE C 80 12.08 8.79 -10.25
N LEU C 81 11.95 9.01 -8.95
CA LEU C 81 10.78 9.68 -8.42
C LEU C 81 11.11 11.08 -7.97
N ASN C 82 10.86 12.04 -8.84
CA ASN C 82 11.19 13.43 -8.51
C ASN C 82 10.05 14.43 -8.50
N ASP C 83 8.81 13.96 -8.53
CA ASP C 83 7.66 14.86 -8.49
C ASP C 83 6.60 14.32 -7.55
N ILE C 84 6.38 15.04 -6.46
CA ILE C 84 5.37 14.66 -5.48
C ILE C 84 4.72 15.96 -5.06
N TYR C 85 3.39 16.02 -5.08
CA TYR C 85 2.71 17.26 -4.73
C TYR C 85 1.25 17.09 -4.33
N VAL C 86 0.85 17.76 -3.25
CA VAL C 86 -0.53 17.70 -2.79
C VAL C 86 -1.16 19.10 -2.80
N ALA C 87 -2.32 19.21 -3.44
CA ALA C 87 -3.04 20.47 -3.52
C ALA C 87 -3.19 20.99 -2.10
N GLU C 88 -3.19 22.31 -1.94
CA GLU C 88 -3.29 22.89 -0.62
C GLU C 88 -4.51 22.42 0.17
N GLU C 89 -5.66 22.35 -0.49
CA GLU C 89 -6.88 21.91 0.17
C GLU C 89 -6.73 20.53 0.84
N ALA C 90 -5.75 19.75 0.41
CA ALA C 90 -5.55 18.41 0.96
C ALA C 90 -4.26 18.26 1.77
N ARG C 91 -3.60 19.38 2.05
CA ARG C 91 -2.33 19.38 2.79
C ARG C 91 -2.42 19.03 4.27
N ARG C 92 -3.20 18.01 4.61
CA ARG C 92 -3.32 17.65 6.02
C ARG C 92 -3.45 16.14 6.19
N GLN C 93 -4.05 15.49 5.19
CA GLN C 93 -4.20 14.05 5.24
C GLN C 93 -2.86 13.41 4.92
N LEU C 94 -2.89 12.29 4.21
CA LEU C 94 -1.68 11.59 3.87
C LEU C 94 -1.71 11.18 2.40
N VAL C 95 -1.89 12.19 1.54
CA VAL C 95 -1.96 11.95 0.10
C VAL C 95 -0.58 11.62 -0.47
N ALA C 96 0.44 12.28 0.04
CA ALA C 96 1.81 12.04 -0.41
C ALA C 96 2.19 10.61 -0.11
N ASP C 97 2.03 10.23 1.16
CA ASP C 97 2.35 8.89 1.66
C ASP C 97 1.68 7.79 0.84
N HIS C 98 0.38 7.93 0.61
CA HIS C 98 -0.36 6.93 -0.17
C HIS C 98 0.13 6.89 -1.62
N LEU C 99 0.51 8.05 -2.16
CA LEU C 99 1.02 8.11 -3.54
C LEU C 99 2.36 7.41 -3.64
N LEU C 100 3.27 7.74 -2.71
CA LEU C 100 4.60 7.14 -2.69
C LEU C 100 4.58 5.64 -2.42
N GLN C 101 3.77 5.25 -1.43
CA GLN C 101 3.65 3.83 -1.08
C GLN C 101 3.28 3.08 -2.35
N HIS C 102 2.20 3.53 -2.97
CA HIS C 102 1.70 2.92 -4.20
C HIS C 102 2.83 2.78 -5.21
N ALA C 103 3.67 3.81 -5.32
CA ALA C 103 4.79 3.83 -6.25
C ALA C 103 5.88 2.81 -5.85
N LYS C 104 6.19 2.78 -4.56
CA LYS C 104 7.17 1.84 -4.02
C LYS C 104 6.68 0.45 -4.40
N GLN C 105 5.39 0.19 -4.20
CA GLN C 105 4.81 -1.10 -4.56
C GLN C 105 5.04 -1.38 -6.06
N ALA C 107 7.27 -0.32 -7.95
CA ALA C 107 8.69 -0.60 -8.14
C ALA C 107 8.98 -2.07 -7.89
N ARG C 108 8.51 -2.57 -6.76
CA ARG C 108 8.71 -3.97 -6.40
C ARG C 108 8.13 -4.83 -7.53
N GLU C 109 6.83 -4.72 -7.75
CA GLU C 109 6.17 -5.50 -8.78
C GLU C 109 6.90 -5.53 -10.14
N THR C 110 7.48 -4.41 -10.55
CA THR C 110 8.21 -4.35 -11.83
C THR C 110 9.65 -4.84 -11.72
N HIS C 111 10.01 -5.33 -10.54
CA HIS C 111 11.35 -5.85 -10.28
C HIS C 111 12.46 -4.84 -10.55
N ALA C 112 12.29 -3.65 -10.01
CA ALA C 112 13.26 -2.60 -10.16
C ALA C 112 14.38 -2.83 -9.13
N VAL C 113 15.62 -2.52 -9.49
CA VAL C 113 16.70 -2.69 -8.53
C VAL C 113 16.55 -1.69 -7.39
N ARG C 114 16.22 -0.45 -7.72
CA ARG C 114 16.07 0.60 -6.73
C ARG C 114 15.35 1.80 -7.30
N ARG C 116 15.40 6.13 -7.26
CA ARG C 116 16.28 7.26 -6.97
C ARG C 116 15.42 8.52 -6.87
N VAL C 117 15.89 9.48 -6.07
CA VAL C 117 15.19 10.74 -5.88
C VAL C 117 16.16 11.91 -5.82
N SER C 118 15.82 12.98 -6.53
CA SER C 118 16.61 14.21 -6.51
C SER C 118 15.61 15.26 -6.11
N THR C 119 15.73 15.77 -4.90
CA THR C 119 14.76 16.76 -4.44
C THR C 119 15.39 18.04 -3.93
N SER C 120 14.59 19.10 -3.90
CA SER C 120 15.08 20.39 -3.46
C SER C 120 15.52 20.36 -2.00
N VAL C 121 16.69 20.93 -1.74
CA VAL C 121 17.24 20.99 -0.39
C VAL C 121 16.50 22.05 0.41
N ASP C 122 16.13 23.13 -0.27
CA ASP C 122 15.43 24.25 0.35
C ASP C 122 13.94 23.98 0.48
N ASN C 123 13.57 22.73 0.64
CA ASN C 123 12.16 22.40 0.80
C ASN C 123 11.97 21.08 1.53
N GLU C 124 12.21 21.13 2.84
CA GLU C 124 12.10 19.97 3.71
C GLU C 124 10.77 19.24 3.49
N VAL C 125 9.73 19.99 3.12
CA VAL C 125 8.41 19.42 2.92
C VAL C 125 8.43 18.03 2.28
N ALA C 126 8.80 17.97 1.01
CA ALA C 126 8.85 16.70 0.31
C ALA C 126 9.86 15.72 0.92
N GLN C 127 10.90 16.23 1.57
CA GLN C 127 11.93 15.39 2.17
C GLN C 127 11.46 14.42 3.26
N LYS C 128 10.73 14.93 4.26
CA LYS C 128 10.24 14.08 5.34
C LYS C 128 9.48 12.89 4.75
N VAL C 129 8.59 13.22 3.82
CA VAL C 129 7.76 12.22 3.16
C VAL C 129 8.60 11.14 2.46
N TYR C 130 9.75 11.53 1.93
CA TYR C 130 10.63 10.59 1.24
C TYR C 130 11.35 9.68 2.24
N GLU C 131 11.79 10.28 3.34
CA GLU C 131 12.48 9.51 4.35
C GLU C 131 11.42 8.65 5.02
N SER C 132 10.17 9.05 4.80
CA SER C 132 9.01 8.35 5.34
C SER C 132 8.95 6.90 4.85
N ILE C 133 9.05 6.68 3.55
CA ILE C 133 8.95 5.32 2.99
C ILE C 133 10.26 4.56 2.83
N GLY C 134 11.35 5.12 3.36
CA GLY C 134 12.62 4.44 3.28
C GLY C 134 13.75 5.00 2.43
N PHE C 135 13.54 6.13 1.75
CA PHE C 135 14.63 6.67 0.95
C PHE C 135 15.70 7.16 1.92
N ARG C 136 16.95 7.03 1.53
CA ARG C 136 18.06 7.47 2.36
C ARG C 136 19.23 7.93 1.50
N GLU C 137 19.99 8.91 1.98
CA GLU C 137 21.15 9.41 1.27
C GLU C 137 22.26 8.38 1.42
N ASP C 138 22.94 8.08 0.32
CA ASP C 138 24.03 7.13 0.35
C ASP C 138 25.31 7.95 0.49
N GLN C 139 26.16 7.58 1.44
CA GLN C 139 27.40 8.32 1.64
C GLN C 139 28.57 7.71 0.89
N GLU C 140 28.35 6.54 0.30
CA GLU C 140 29.40 5.87 -0.46
C GLU C 140 29.48 6.43 -1.87
N PHE C 141 28.56 7.34 -2.19
CA PHE C 141 28.55 7.94 -3.52
C PHE C 141 28.49 9.46 -3.47
N LYS C 142 29.31 10.09 -4.28
CA LYS C 142 29.35 11.55 -4.36
C LYS C 142 28.60 11.97 -5.64
N ASN C 143 27.54 12.75 -5.47
CA ASN C 143 26.73 13.19 -6.60
C ASN C 143 27.16 14.49 -7.28
N TYR C 144 27.32 14.45 -8.60
CA TYR C 144 27.70 15.63 -9.35
C TYR C 144 26.59 16.15 -10.26
N THR C 145 26.77 17.37 -10.73
CA THR C 145 25.82 18.03 -11.61
C THR C 145 26.55 19.02 -12.52
N LEU C 146 26.13 19.11 -13.78
CA LEU C 146 26.75 20.04 -14.72
C LEU C 146 25.67 20.90 -15.39
N PRO C 147 25.47 22.14 -14.90
CA PRO C 147 24.45 23.00 -15.52
C PRO C 147 24.77 23.15 -17.00
N ILE C 148 23.74 23.08 -17.84
CA ILE C 148 23.93 23.19 -19.27
C ILE C 148 23.15 24.36 -19.83
N SER C 149 21.89 24.46 -19.42
CA SER C 149 20.99 25.51 -19.86
C SER C 149 20.40 26.22 -18.65
N ASP C 150 19.53 27.18 -18.92
CA ASP C 150 18.88 27.95 -17.86
C ASP C 150 17.81 27.19 -17.10
N GLU C 151 17.49 27.68 -15.91
CA GLU C 151 16.47 27.07 -15.08
C GLU C 151 15.27 27.99 -15.03
N LEU C 152 15.50 29.30 -15.02
CA LEU C 152 14.40 30.27 -14.98
C LEU C 152 13.54 30.28 -16.24
N SER C 153 14.19 30.18 -17.40
CA SER C 153 13.47 30.16 -18.66
C SER C 153 14.26 29.37 -19.71
N ARG D 2 37.65 9.24 -32.66
CA ARG D 2 36.39 9.49 -33.32
C ARG D 2 35.24 9.10 -32.40
N ILE D 3 34.24 9.97 -32.28
CA ILE D 3 33.08 9.67 -31.45
C ILE D 3 31.92 9.46 -32.39
N VAL D 4 31.02 8.54 -32.05
CA VAL D 4 29.84 8.23 -32.87
C VAL D 4 28.74 7.60 -32.03
N GLN D 5 27.51 8.07 -32.17
CA GLN D 5 26.42 7.48 -31.40
C GLN D 5 26.27 6.05 -31.87
N ALA D 6 26.09 5.15 -30.92
CA ALA D 6 25.97 3.72 -31.20
C ALA D 6 24.69 3.35 -31.93
N THR D 7 24.87 2.48 -32.91
CA THR D 7 23.76 2.00 -33.72
C THR D 7 23.62 0.49 -33.52
N LEU D 8 22.55 -0.09 -34.07
CA LEU D 8 22.32 -1.52 -33.95
C LEU D 8 23.39 -2.30 -34.72
N GLU D 9 24.03 -1.62 -35.67
CA GLU D 9 25.10 -2.21 -36.48
C GLU D 9 26.37 -2.40 -35.64
N HIS D 10 26.39 -1.74 -34.49
CA HIS D 10 27.54 -1.79 -33.60
C HIS D 10 27.45 -2.82 -32.47
N LEU D 11 26.29 -3.43 -32.30
CA LEU D 11 26.09 -4.37 -31.20
C LEU D 11 27.13 -5.46 -30.99
N ASP D 12 27.67 -6.04 -32.07
CA ASP D 12 28.66 -7.09 -31.91
C ASP D 12 30.08 -6.56 -31.74
N LEU D 13 30.21 -5.28 -31.44
CA LEU D 13 31.50 -4.64 -31.22
C LEU D 13 31.40 -4.01 -29.85
N LEU D 14 30.20 -3.57 -29.51
CA LEU D 14 29.92 -2.94 -28.23
C LEU D 14 29.60 -3.98 -27.14
N ALA D 15 28.75 -4.95 -27.46
CA ALA D 15 28.39 -5.98 -26.50
C ALA D 15 29.57 -6.47 -25.64
N PRO D 16 30.63 -7.00 -26.28
CA PRO D 16 31.77 -7.49 -25.50
C PRO D 16 32.42 -6.45 -24.58
N LEU D 17 32.66 -5.23 -25.05
CA LEU D 17 33.26 -4.22 -24.17
C LEU D 17 32.27 -3.79 -23.10
N PHE D 18 30.97 -3.95 -23.37
CA PHE D 18 29.93 -3.60 -22.42
C PHE D 18 30.05 -4.53 -21.25
N VAL D 19 30.27 -5.80 -21.56
CA VAL D 19 30.42 -6.83 -20.56
C VAL D 19 31.68 -6.59 -19.72
N LYS D 20 32.82 -6.37 -20.36
CA LYS D 20 34.04 -6.11 -19.58
C LYS D 20 33.76 -5.07 -18.50
N TYR D 21 33.06 -4.01 -18.90
CA TYR D 21 32.68 -2.92 -18.01
C TYR D 21 31.87 -3.43 -16.81
N ARG D 22 30.78 -4.13 -17.07
CA ARG D 22 29.96 -4.66 -16.00
C ARG D 22 30.77 -5.57 -15.07
N GLU D 23 31.72 -6.29 -15.64
CA GLU D 23 32.56 -7.22 -14.88
C GLU D 23 33.46 -6.43 -13.94
N PHE D 24 34.06 -5.37 -14.48
CA PHE D 24 34.95 -4.49 -13.74
C PHE D 24 34.30 -4.04 -12.43
N TYR D 25 32.98 -3.93 -12.42
CA TYR D 25 32.29 -3.51 -11.22
C TYR D 25 31.73 -4.69 -10.42
N GLY D 26 32.34 -5.86 -10.60
CA GLY D 26 31.92 -7.03 -9.85
C GLY D 26 30.77 -7.86 -10.39
N LEU D 28 28.30 -10.26 -12.68
CA LEU D 28 28.51 -11.48 -13.43
C LEU D 28 28.35 -11.14 -14.91
N SER D 29 29.37 -11.44 -15.70
CA SER D 29 29.33 -11.16 -17.12
C SER D 29 28.18 -11.96 -17.70
N TYR D 30 27.13 -11.29 -18.17
CA TYR D 30 26.01 -12.03 -18.73
C TYR D 30 26.00 -11.83 -20.23
N PRO D 31 26.94 -12.48 -20.93
CA PRO D 31 27.05 -12.35 -22.39
C PRO D 31 25.74 -12.04 -23.12
N GLU D 32 24.79 -12.96 -23.05
CA GLU D 32 23.52 -12.78 -23.74
C GLU D 32 22.60 -11.71 -23.16
N SER D 33 22.35 -11.75 -21.86
CA SER D 33 21.48 -10.76 -21.25
C SER D 33 22.00 -9.36 -21.44
N SER D 34 23.31 -9.24 -21.64
CA SER D 34 23.91 -7.94 -21.83
C SER D 34 23.69 -7.47 -23.27
N ARG D 35 23.77 -8.40 -24.21
CA ARG D 35 23.56 -8.08 -25.61
C ARG D 35 22.10 -7.68 -25.79
N LYS D 36 21.22 -8.52 -25.25
CA LYS D 36 19.78 -8.30 -25.32
C LYS D 36 19.40 -6.97 -24.69
N PHE D 37 20.06 -6.62 -23.59
CA PHE D 37 19.82 -5.38 -22.86
C PHE D 37 20.11 -4.13 -23.71
N LEU D 38 21.32 -4.09 -24.27
CA LEU D 38 21.74 -2.97 -25.10
C LEU D 38 20.82 -2.85 -26.29
N GLU D 39 20.58 -3.96 -26.96
CA GLU D 39 19.73 -3.98 -28.13
C GLU D 39 18.35 -3.36 -27.93
N LYS D 40 17.71 -3.67 -26.80
CA LYS D 40 16.39 -3.11 -26.51
C LYS D 40 16.53 -1.61 -26.37
N ARG D 41 17.46 -1.18 -25.51
CA ARG D 41 17.68 0.24 -25.30
C ARG D 41 17.95 0.91 -26.63
N LEU D 42 18.75 0.26 -27.47
CA LEU D 42 19.09 0.78 -28.79
C LEU D 42 17.85 0.87 -29.66
N ARG D 43 17.13 -0.24 -29.77
CA ARG D 43 15.94 -0.30 -30.60
C ARG D 43 14.79 0.59 -30.09
N ARG D 44 14.52 0.54 -28.79
CA ARG D 44 13.43 1.32 -28.20
C ARG D 44 13.81 2.76 -27.87
N LYS D 45 15.06 3.11 -28.17
CA LYS D 45 15.58 4.46 -27.91
C LYS D 45 15.35 4.90 -26.46
N GLU D 46 15.88 4.13 -25.52
CA GLU D 46 15.75 4.43 -24.10
C GLU D 46 17.07 4.95 -23.53
N SER D 47 18.11 4.95 -24.36
CA SER D 47 19.42 5.47 -23.94
C SER D 47 20.16 6.07 -25.14
N VAL D 48 21.36 6.60 -24.87
CA VAL D 48 22.19 7.16 -25.92
C VAL D 48 23.59 6.63 -25.65
N ILE D 49 24.14 5.86 -26.58
CA ILE D 49 25.47 5.34 -26.37
C ILE D 49 26.42 5.99 -27.35
N TYR D 50 27.59 6.39 -26.86
CA TYR D 50 28.60 7.00 -27.69
C TYR D 50 29.82 6.10 -27.76
N LEU D 51 30.25 5.80 -28.98
CA LEU D 51 31.41 4.93 -29.21
C LEU D 51 32.65 5.72 -29.56
N ALA D 52 33.77 5.37 -28.95
CA ALA D 52 35.04 6.02 -29.24
C ALA D 52 35.74 5.06 -30.21
N LEU D 53 35.85 5.46 -31.48
CA LEU D 53 36.49 4.61 -32.47
C LEU D 53 37.89 5.09 -32.86
N ALA D 54 38.83 4.16 -33.00
CA ALA D 54 40.21 4.49 -33.37
C ALA D 54 40.37 4.55 -34.88
N ASP D 55 40.68 5.75 -35.36
CA ASP D 55 40.86 6.06 -36.78
C ASP D 55 40.49 4.98 -37.82
N GLU D 56 41.48 4.57 -38.60
CA GLU D 56 41.33 3.60 -39.67
C GLU D 56 40.32 2.44 -39.52
N GLU D 57 40.11 1.98 -38.29
CA GLU D 57 39.19 0.86 -38.07
C GLU D 57 38.31 1.01 -36.84
N ASP D 58 37.34 0.11 -36.72
CA ASP D 58 36.40 0.11 -35.61
C ASP D 58 37.00 0.09 -34.20
N ARG D 59 38.10 -0.63 -34.01
CA ARG D 59 38.75 -0.73 -32.69
C ARG D 59 38.07 0.15 -31.65
N LEU D 60 37.04 -0.41 -30.99
CA LEU D 60 36.30 0.33 -29.97
C LEU D 60 37.22 0.56 -28.79
N LEU D 61 37.74 1.77 -28.67
CA LEU D 61 38.65 2.08 -27.57
C LEU D 61 37.93 2.39 -26.28
N GLY D 62 36.63 2.65 -26.35
CA GLY D 62 35.87 2.96 -25.15
C GLY D 62 34.43 3.36 -25.46
N PHE D 63 33.65 3.64 -24.44
CA PHE D 63 32.27 4.03 -24.66
C PHE D 63 31.67 4.65 -23.39
N CYS D 64 30.46 5.17 -23.52
CA CYS D 64 29.72 5.74 -22.40
C CYS D 64 28.26 5.68 -22.81
N GLN D 65 27.37 5.65 -21.82
CA GLN D 65 25.93 5.57 -22.09
C GLN D 65 25.19 6.57 -21.22
N LEU D 66 24.17 7.20 -21.78
CA LEU D 66 23.42 8.17 -21.00
C LEU D 66 21.94 7.84 -21.00
N TYR D 67 21.31 7.98 -19.83
CA TYR D 67 19.87 7.71 -19.74
C TYR D 67 19.07 9.03 -19.65
N PRO D 68 17.90 9.07 -20.32
CA PRO D 68 17.04 10.25 -20.32
C PRO D 68 16.25 10.44 -19.03
N SER D 69 16.10 11.71 -18.64
CA SER D 69 15.34 12.12 -17.47
C SER D 69 14.83 13.54 -17.78
N PHE D 70 14.08 14.14 -16.85
CA PHE D 70 13.53 15.46 -17.09
C PHE D 70 13.47 16.31 -15.85
N SER D 71 13.08 17.55 -16.04
CA SER D 71 12.91 18.49 -14.94
C SER D 71 11.56 19.20 -15.15
N SER D 72 10.58 18.85 -14.32
CA SER D 72 9.27 19.49 -14.43
C SER D 72 9.39 20.96 -14.05
N LEU D 73 10.28 21.25 -13.11
CA LEU D 73 10.48 22.62 -12.67
C LEU D 73 10.91 23.56 -13.80
N SER D 74 11.98 23.20 -14.50
CA SER D 74 12.51 23.99 -15.63
C SER D 74 11.84 23.68 -16.96
N LEU D 75 11.05 22.61 -16.99
CA LEU D 75 10.38 22.19 -18.22
C LEU D 75 11.42 21.78 -19.25
N LYS D 76 12.59 21.35 -18.81
CA LYS D 76 13.62 20.95 -19.75
C LYS D 76 14.12 19.54 -19.54
N ARG D 77 14.78 19.01 -20.56
CA ARG D 77 15.34 17.67 -20.55
C ARG D 77 16.55 17.60 -19.59
N VAL D 78 16.88 16.39 -19.17
CA VAL D 78 18.01 16.14 -18.28
C VAL D 78 18.71 14.86 -18.74
N TRP D 79 20.02 14.79 -18.59
CA TRP D 79 20.72 13.58 -19.00
C TRP D 79 21.60 13.02 -17.89
N ILE D 80 21.45 11.72 -17.65
CA ILE D 80 22.22 11.06 -16.62
C ILE D 80 23.32 10.21 -17.24
N LEU D 81 24.56 10.51 -16.87
CA LEU D 81 25.68 9.73 -17.38
C LEU D 81 25.68 8.52 -16.46
N ASN D 82 25.60 7.35 -17.04
CA ASN D 82 25.55 6.14 -16.26
C ASN D 82 26.74 5.23 -16.43
N ASP D 83 27.21 5.11 -17.64
CA ASP D 83 28.32 4.22 -17.92
C ASP D 83 29.39 4.96 -18.67
N ILE D 84 30.65 4.70 -18.32
CA ILE D 84 31.76 5.31 -19.02
C ILE D 84 32.90 4.35 -18.79
N TYR D 85 33.42 3.78 -19.87
CA TYR D 85 34.50 2.80 -19.76
C TYR D 85 35.49 2.90 -20.90
N VAL D 86 36.77 3.07 -20.58
CA VAL D 86 37.77 3.13 -21.62
C VAL D 86 38.48 1.78 -21.55
N ALA D 87 38.51 1.08 -22.67
CA ALA D 87 39.15 -0.24 -22.72
C ALA D 87 40.52 -0.19 -22.11
N GLU D 88 40.80 -1.21 -21.31
CA GLU D 88 42.06 -1.40 -20.60
C GLU D 88 43.26 -0.96 -21.46
N GLU D 89 43.21 -1.23 -22.76
CA GLU D 89 44.30 -0.88 -23.66
C GLU D 89 44.20 0.50 -24.32
N ALA D 90 43.98 1.53 -23.52
CA ALA D 90 43.89 2.91 -24.02
C ALA D 90 43.93 3.88 -22.85
N ARG D 91 44.65 4.99 -23.01
CA ARG D 91 44.75 6.00 -21.95
C ARG D 91 43.34 6.58 -21.74
N ARG D 92 42.80 6.33 -20.55
CA ARG D 92 41.43 6.76 -20.24
C ARG D 92 41.12 8.24 -20.28
N GLN D 93 42.04 9.09 -19.84
CA GLN D 93 41.79 10.54 -19.83
C GLN D 93 41.47 11.01 -21.25
N LEU D 94 42.34 10.69 -22.20
CA LEU D 94 42.12 11.09 -23.58
C LEU D 94 40.72 10.63 -24.02
N VAL D 95 40.56 9.32 -24.23
CA VAL D 95 39.29 8.75 -24.67
C VAL D 95 38.07 9.20 -23.87
N ALA D 96 38.13 9.06 -22.55
CA ALA D 96 37.01 9.46 -21.71
C ALA D 96 36.70 10.95 -21.87
N ASP D 97 37.75 11.76 -21.96
CA ASP D 97 37.56 13.19 -22.09
C ASP D 97 36.83 13.52 -23.39
N HIS D 98 37.24 12.86 -24.47
CA HIS D 98 36.61 13.06 -25.76
C HIS D 98 35.15 12.61 -25.73
N LEU D 99 34.89 11.50 -25.04
CA LEU D 99 33.54 10.98 -24.95
C LEU D 99 32.64 11.95 -24.18
N LEU D 100 33.17 12.44 -23.06
CA LEU D 100 32.46 13.37 -22.20
C LEU D 100 32.17 14.68 -22.88
N GLN D 101 33.19 15.24 -23.53
CA GLN D 101 33.02 16.49 -24.25
C GLN D 101 31.86 16.31 -25.22
N HIS D 102 31.88 15.19 -25.93
CA HIS D 102 30.86 14.90 -26.91
C HIS D 102 29.45 14.87 -26.33
N ALA D 103 29.28 14.16 -25.21
CA ALA D 103 27.99 14.08 -24.53
C ALA D 103 27.55 15.49 -24.13
N LYS D 104 28.51 16.24 -23.60
CA LYS D 104 28.29 17.62 -23.16
C LYS D 104 27.74 18.46 -24.33
N GLN D 105 28.26 18.21 -25.53
CA GLN D 105 27.80 18.94 -26.72
C GLN D 105 26.36 18.59 -27.04
N ALA D 107 24.17 17.58 -24.88
CA ALA D 107 23.36 18.17 -23.84
C ALA D 107 22.98 19.61 -24.20
N ARG D 108 23.93 20.35 -24.76
CA ARG D 108 23.66 21.73 -25.16
C ARG D 108 22.64 21.69 -26.29
N GLU D 109 22.98 20.98 -27.36
CA GLU D 109 22.12 20.92 -28.53
C GLU D 109 20.67 20.56 -28.23
N THR D 110 20.44 19.80 -27.17
CA THR D 110 19.07 19.41 -26.83
C THR D 110 18.44 20.29 -25.76
N HIS D 111 19.14 21.35 -25.40
CA HIS D 111 18.62 22.29 -24.43
C HIS D 111 18.25 21.66 -23.10
N ALA D 112 19.12 20.81 -22.58
CA ALA D 112 18.88 20.14 -21.32
C ALA D 112 19.31 21.07 -20.20
N VAL D 113 18.59 21.07 -19.07
CA VAL D 113 18.97 21.95 -17.96
C VAL D 113 20.32 21.53 -17.42
N ARG D 114 20.51 20.23 -17.25
CA ARG D 114 21.74 19.72 -16.68
C ARG D 114 22.07 18.27 -17.04
N ARG D 116 23.80 14.72 -15.11
CA ARG D 116 23.99 14.18 -13.78
C ARG D 116 24.87 12.95 -13.86
N VAL D 117 25.81 12.84 -12.93
CA VAL D 117 26.69 11.68 -12.85
C VAL D 117 26.92 11.35 -11.39
N SER D 118 27.18 10.07 -11.13
CA SER D 118 27.43 9.62 -9.79
C SER D 118 28.75 8.86 -9.77
N THR D 119 29.47 8.99 -8.67
CA THR D 119 30.74 8.30 -8.54
C THR D 119 30.85 7.86 -7.09
N SER D 120 31.71 6.88 -6.84
CA SER D 120 31.91 6.38 -5.49
C SER D 120 32.84 7.33 -4.76
N VAL D 121 32.49 7.63 -3.50
CA VAL D 121 33.28 8.53 -2.67
C VAL D 121 34.75 8.16 -2.82
N ASP D 122 34.99 6.92 -3.23
CA ASP D 122 36.33 6.37 -3.46
C ASP D 122 36.98 6.90 -4.74
N ASN D 123 36.36 6.59 -5.89
CA ASN D 123 36.87 6.98 -7.20
C ASN D 123 37.61 8.31 -7.28
N GLU D 124 38.94 8.27 -7.18
CA GLU D 124 39.72 9.51 -7.27
C GLU D 124 39.85 9.91 -8.73
N VAL D 125 40.09 8.92 -9.58
CA VAL D 125 40.25 9.18 -11.02
C VAL D 125 38.96 9.74 -11.60
N ALA D 126 37.85 9.02 -11.40
CA ALA D 126 36.55 9.44 -11.92
C ALA D 126 36.26 10.89 -11.52
N GLN D 127 36.28 11.15 -10.23
CA GLN D 127 36.02 12.50 -9.73
C GLN D 127 36.82 13.60 -10.41
N LYS D 128 38.09 13.35 -10.75
CA LYS D 128 38.88 14.38 -11.40
C LYS D 128 38.46 14.47 -12.86
N VAL D 129 38.08 13.32 -13.41
CA VAL D 129 37.63 13.22 -14.79
C VAL D 129 36.37 14.04 -14.97
N TYR D 130 35.34 13.72 -14.19
CA TYR D 130 34.08 14.46 -14.27
C TYR D 130 34.30 15.94 -13.95
N GLU D 131 35.28 16.24 -13.11
CA GLU D 131 35.55 17.62 -12.75
C GLU D 131 36.34 18.37 -13.82
N SER D 132 37.10 17.64 -14.61
CA SER D 132 37.87 18.31 -15.66
C SER D 132 36.94 18.85 -16.74
N ILE D 133 35.73 18.31 -16.84
CA ILE D 133 34.79 18.78 -17.86
C ILE D 133 33.67 19.67 -17.33
N GLY D 134 33.63 19.90 -16.02
CA GLY D 134 32.59 20.78 -15.50
C GLY D 134 31.68 20.26 -14.41
N PHE D 135 31.65 18.95 -14.22
CA PHE D 135 30.79 18.39 -13.18
C PHE D 135 31.23 18.87 -11.81
N ARG D 136 30.26 19.32 -11.02
CA ARG D 136 30.52 19.80 -9.66
C ARG D 136 29.62 19.03 -8.70
N GLU D 137 30.02 18.95 -7.44
CA GLU D 137 29.21 18.25 -6.46
C GLU D 137 27.84 18.94 -6.32
N ASP D 138 26.81 18.23 -6.78
CA ASP D 138 25.45 18.75 -6.73
C ASP D 138 25.10 19.29 -5.36
N GLN D 139 24.49 20.47 -5.34
CA GLN D 139 24.06 21.05 -4.07
C GLN D 139 22.82 21.91 -4.13
N GLU D 140 22.02 21.75 -5.17
CA GLU D 140 20.76 22.47 -5.25
C GLU D 140 19.76 21.42 -4.83
N PHE D 141 20.20 20.17 -4.98
CA PHE D 141 19.39 19.00 -4.67
C PHE D 141 19.97 18.08 -3.62
N LYS D 142 19.07 17.28 -3.04
CA LYS D 142 19.41 16.30 -2.03
C LYS D 142 19.01 14.96 -2.67
N ASN D 143 19.99 14.11 -2.97
CA ASN D 143 19.71 12.83 -3.63
C ASN D 143 19.54 11.64 -2.70
N TYR D 144 18.45 10.90 -2.87
CA TYR D 144 18.17 9.72 -2.05
C TYR D 144 18.13 8.42 -2.85
N THR D 145 18.20 7.30 -2.13
CA THR D 145 18.13 5.99 -2.75
C THR D 145 17.24 5.07 -1.91
N LEU D 146 16.50 4.16 -2.57
CA LEU D 146 15.62 3.23 -1.86
C LEU D 146 15.73 1.83 -2.46
N PRO D 147 16.43 0.92 -1.75
CA PRO D 147 16.58 -0.45 -2.24
C PRO D 147 15.24 -1.15 -2.47
N ILE D 148 15.04 -1.67 -3.68
CA ILE D 148 13.81 -2.38 -4.02
C ILE D 148 14.12 -3.86 -4.22
N SER D 149 14.61 -4.20 -5.40
CA SER D 149 14.95 -5.59 -5.71
C SER D 149 16.46 -5.83 -5.55
N ASP D 150 16.83 -7.10 -5.67
CA ASP D 150 18.21 -7.54 -5.54
C ASP D 150 19.08 -7.05 -6.72
N GLU D 151 20.20 -7.73 -6.97
CA GLU D 151 21.10 -7.35 -8.07
C GLU D 151 21.87 -8.52 -8.70
#